data_7QLF
#
_entry.id   7QLF
#
_entity_poly.entity_id   1
_entity_poly.type   'polypeptide(L)'
_entity_poly.pdbx_seq_one_letter_code
;CGQRETPEGAEAKPWYC
;
_entity_poly.pdbx_strand_id   A
#
# COMPACT_ATOMS: atom_id res chain seq x y z
N CYS A 1 -3.05 -3.07 5.40
CA CYS A 1 -2.89 -4.28 4.56
C CYS A 1 -1.49 -4.32 3.95
N GLY A 2 -1.19 -5.37 3.22
CA GLY A 2 0.08 -5.47 2.53
C GLY A 2 0.06 -6.49 1.41
N GLN A 3 -1.12 -6.73 0.85
CA GLN A 3 -1.29 -7.82 -0.10
C GLN A 3 -1.30 -7.33 -1.55
N ARG A 4 -1.94 -6.19 -1.80
CA ARG A 4 -2.08 -5.72 -3.19
C ARG A 4 -1.88 -4.21 -3.26
N GLU A 5 -2.78 -3.45 -2.63
CA GLU A 5 -2.87 -2.02 -2.89
C GLU A 5 -1.91 -1.23 -1.99
N THR A 6 -0.63 -1.51 -2.16
CA THR A 6 0.43 -0.79 -1.47
C THR A 6 1.57 -0.46 -2.45
N PRO A 7 1.29 0.34 -3.49
CA PRO A 7 2.29 0.63 -4.52
C PRO A 7 3.40 1.50 -3.95
N GLU A 8 4.61 1.32 -4.46
CA GLU A 8 5.78 2.09 -4.01
C GLU A 8 5.60 3.58 -4.25
N GLY A 9 4.92 3.93 -5.33
CA GLY A 9 4.77 5.33 -5.70
C GLY A 9 3.97 6.11 -4.68
N ALA A 10 3.24 5.39 -3.83
CA ALA A 10 2.43 6.03 -2.79
C ALA A 10 3.29 6.45 -1.60
N GLU A 11 4.44 5.80 -1.46
CA GLU A 11 5.32 5.97 -0.29
C GLU A 11 4.57 5.78 1.03
N ALA A 12 3.48 5.02 1.00
CA ALA A 12 2.65 4.80 2.17
C ALA A 12 1.65 3.66 1.91
N LYS A 13 1.15 3.04 2.97
CA LYS A 13 0.00 2.13 2.87
C LYS A 13 -1.31 2.94 2.92
N PRO A 14 -2.21 2.85 1.91
CA PRO A 14 -3.43 3.66 1.90
C PRO A 14 -4.43 3.28 3.00
N TRP A 15 -4.89 2.03 3.01
CA TRP A 15 -5.90 1.61 3.98
C TRP A 15 -6.21 0.11 3.94
N TYR A 16 -6.70 -0.35 2.79
CA TYR A 16 -7.03 -1.76 2.57
C TYR A 16 -6.69 -2.25 1.16
N CYS A 17 -6.61 -3.57 1.04
CA CYS A 17 -6.20 -4.23 -0.20
C CYS A 17 -7.37 -5.08 -0.72
N CYS A 1 -2.12 -4.58 6.59
CA CYS A 1 -2.06 -5.35 5.33
C CYS A 1 -1.42 -4.48 4.24
N GLY A 2 -0.38 -5.00 3.59
CA GLY A 2 0.26 -4.26 2.52
C GLY A 2 0.41 -5.07 1.25
N GLN A 3 -0.58 -5.89 0.95
CA GLN A 3 -0.52 -6.76 -0.22
C GLN A 3 -1.60 -6.36 -1.21
N ARG A 4 -1.29 -6.50 -2.49
CA ARG A 4 -2.21 -6.16 -3.57
C ARG A 4 -2.51 -4.66 -3.61
N GLU A 5 -2.37 -4.07 -4.79
CA GLU A 5 -2.60 -2.63 -5.00
C GLU A 5 -1.82 -1.79 -4.00
N THR A 6 -0.51 -2.05 -3.91
CA THR A 6 0.35 -1.31 -3.00
C THR A 6 1.55 -0.71 -3.74
N PRO A 7 1.35 0.38 -4.49
CA PRO A 7 2.41 0.98 -5.31
C PRO A 7 3.48 1.60 -4.43
N GLU A 8 4.75 1.47 -4.83
CA GLU A 8 5.86 2.00 -4.06
C GLU A 8 5.79 3.52 -3.95
N GLY A 9 5.28 4.16 -5.00
CA GLY A 9 5.25 5.61 -5.05
C GLY A 9 4.37 6.21 -3.98
N ALA A 10 3.51 5.39 -3.39
CA ALA A 10 2.62 5.88 -2.34
C ALA A 10 3.37 6.01 -1.02
N GLU A 11 4.43 5.20 -0.87
CA GLU A 11 5.22 5.05 0.38
C GLU A 11 4.33 4.70 1.58
N ALA A 12 3.14 4.20 1.31
CA ALA A 12 2.18 3.85 2.33
C ALA A 12 1.03 3.09 1.68
N LYS A 13 0.27 2.34 2.47
CA LYS A 13 -1.00 1.78 2.02
C LYS A 13 -2.12 2.81 2.19
N PRO A 14 -2.88 3.18 1.10
CA PRO A 14 -3.94 4.19 1.22
C PRO A 14 -4.92 3.95 2.37
N TRP A 15 -5.22 2.68 2.67
CA TRP A 15 -6.14 2.39 3.76
C TRP A 15 -6.25 0.90 4.11
N TYR A 16 -6.68 0.11 3.13
CA TYR A 16 -6.88 -1.34 3.29
C TYR A 16 -6.66 -2.13 2.00
N CYS A 17 -6.61 -3.46 2.15
CA CYS A 17 -6.46 -4.37 1.03
C CYS A 17 -7.82 -4.81 0.53
N CYS A 1 1.68 -8.86 4.26
CA CYS A 1 1.02 -8.19 3.13
C CYS A 1 1.02 -6.68 3.33
N GLY A 2 -0.07 -6.02 2.96
CA GLY A 2 -0.13 -4.57 3.02
C GLY A 2 0.31 -3.95 1.71
N GLN A 3 0.79 -4.79 0.80
CA GLN A 3 1.25 -4.32 -0.50
C GLN A 3 0.16 -4.51 -1.56
N ARG A 4 -0.94 -5.16 -1.19
CA ARG A 4 -1.88 -5.66 -2.17
C ARG A 4 -2.45 -4.52 -2.98
N GLU A 5 -2.73 -3.40 -2.33
CA GLU A 5 -3.38 -2.28 -3.00
C GLU A 5 -2.46 -1.07 -2.99
N THR A 6 -1.17 -1.34 -2.81
CA THR A 6 -0.16 -0.30 -2.61
C THR A 6 0.65 -0.11 -3.89
N PRO A 7 0.61 1.10 -4.48
CA PRO A 7 1.34 1.40 -5.71
C PRO A 7 2.84 1.50 -5.46
N GLU A 8 3.63 1.32 -6.51
CA GLU A 8 5.08 1.35 -6.37
C GLU A 8 5.57 2.70 -5.86
N GLY A 9 4.83 3.75 -6.18
CA GLY A 9 5.23 5.09 -5.83
C GLY A 9 4.66 5.51 -4.48
N ALA A 10 4.12 4.55 -3.74
CA ALA A 10 3.49 4.85 -2.46
C ALA A 10 4.51 5.42 -1.49
N GLU A 11 4.07 6.35 -0.65
CA GLU A 11 4.86 6.80 0.47
C GLU A 11 4.44 6.07 1.74
N ALA A 12 3.21 5.52 1.70
CA ALA A 12 2.62 4.82 2.82
C ALA A 12 1.53 3.88 2.33
N LYS A 13 1.21 2.87 3.12
CA LYS A 13 0.14 1.91 2.81
C LYS A 13 -1.23 2.61 2.74
N PRO A 14 -1.95 2.59 1.56
CA PRO A 14 -3.27 3.23 1.45
C PRO A 14 -4.34 2.71 2.42
N TRP A 15 -4.17 1.49 2.91
CA TRP A 15 -5.15 0.89 3.80
C TRP A 15 -4.62 -0.30 4.62
N TYR A 16 -5.49 -0.86 5.46
CA TYR A 16 -5.19 -2.02 6.30
C TYR A 16 -5.25 -3.35 5.54
N CYS A 17 -4.46 -4.30 6.02
CA CYS A 17 -4.44 -5.64 5.48
C CYS A 17 -4.32 -6.66 6.62
N CYS A 1 -3.21 -5.49 4.75
CA CYS A 1 -2.78 -6.16 3.49
C CYS A 1 -1.92 -5.22 2.65
N GLY A 2 -0.69 -4.99 3.09
CA GLY A 2 0.16 -4.00 2.46
C GLY A 2 0.81 -4.48 1.17
N GLN A 3 0.45 -5.70 0.77
CA GLN A 3 0.99 -6.29 -0.45
C GLN A 3 -0.04 -6.20 -1.57
N ARG A 4 -1.26 -5.81 -1.21
CA ARG A 4 -2.39 -5.87 -2.13
C ARG A 4 -2.34 -4.68 -3.07
N GLU A 5 -1.51 -4.79 -4.09
CA GLU A 5 -1.40 -3.79 -5.15
C GLU A 5 -1.03 -2.43 -4.55
N THR A 6 0.15 -2.37 -3.96
CA THR A 6 0.63 -1.17 -3.30
C THR A 6 1.87 -0.62 -4.02
N PRO A 7 1.67 0.38 -4.91
CA PRO A 7 2.77 0.95 -5.69
C PRO A 7 3.86 1.48 -4.78
N GLU A 8 5.10 1.46 -5.27
CA GLU A 8 6.25 1.91 -4.47
C GLU A 8 6.08 3.37 -4.06
N GLY A 9 5.40 4.14 -4.89
CA GLY A 9 5.22 5.55 -4.63
C GLY A 9 3.98 5.83 -3.79
N ALA A 10 3.32 4.77 -3.34
CA ALA A 10 2.09 4.91 -2.57
C ALA A 10 2.38 4.74 -1.08
N GLU A 11 1.55 5.33 -0.25
CA GLU A 11 1.68 5.19 1.19
C GLU A 11 1.13 3.83 1.67
N ALA A 12 1.78 2.72 1.27
CA ALA A 12 1.31 1.37 1.58
C ALA A 12 -0.12 1.15 1.08
N LYS A 13 -1.04 0.79 2.00
CA LYS A 13 -2.43 0.49 1.66
C LYS A 13 -3.39 1.31 2.52
N PRO A 14 -3.64 2.62 2.21
CA PRO A 14 -4.46 3.47 3.08
C PRO A 14 -5.96 3.18 2.99
N TRP A 15 -6.64 3.52 4.08
CA TRP A 15 -8.11 3.49 4.22
C TRP A 15 -8.78 2.10 4.13
N TYR A 16 -8.65 1.48 2.96
CA TYR A 16 -9.28 0.19 2.68
C TYR A 16 -8.30 -0.83 2.12
N CYS A 17 -8.63 -2.10 2.32
CA CYS A 17 -7.86 -3.22 1.81
C CYS A 17 -8.46 -3.76 0.51
N CYS A 1 2.67 -5.52 5.60
CA CYS A 1 1.84 -5.60 4.39
C CYS A 1 2.24 -4.52 3.39
N GLY A 2 2.92 -4.90 2.32
CA GLY A 2 3.31 -3.94 1.30
C GLY A 2 2.74 -4.30 -0.05
N GLN A 3 1.68 -5.09 -0.06
CA GLN A 3 1.09 -5.60 -1.28
C GLN A 3 -0.38 -5.22 -1.32
N ARG A 4 -1.06 -5.65 -2.37
CA ARG A 4 -2.52 -5.55 -2.50
C ARG A 4 -2.96 -4.09 -2.53
N GLU A 5 -2.83 -3.47 -3.71
CA GLU A 5 -3.17 -2.06 -3.92
C GLU A 5 -2.26 -1.16 -3.09
N THR A 6 -1.00 -1.55 -3.00
CA THR A 6 0.01 -0.76 -2.31
C THR A 6 1.15 -0.42 -3.28
N PRO A 7 1.11 0.77 -3.93
CA PRO A 7 2.11 1.17 -4.92
C PRO A 7 3.53 1.12 -4.37
N GLU A 8 4.46 0.68 -5.20
CA GLU A 8 5.87 0.57 -4.81
C GLU A 8 6.46 1.91 -4.39
N GLY A 9 5.98 2.99 -5.01
CA GLY A 9 6.48 4.32 -4.71
C GLY A 9 5.61 5.04 -3.70
N ALA A 10 4.72 4.32 -3.04
CA ALA A 10 3.78 4.92 -2.11
C ALA A 10 4.51 5.63 -0.98
N GLU A 11 3.98 6.79 -0.58
CA GLU A 11 4.53 7.54 0.54
C GLU A 11 4.04 6.95 1.87
N ALA A 12 2.90 6.28 1.79
CA ALA A 12 2.25 5.68 2.95
C ALA A 12 1.32 4.57 2.49
N LYS A 13 1.04 3.60 3.37
CA LYS A 13 0.08 2.52 3.08
C LYS A 13 -1.33 3.10 2.86
N PRO A 14 -1.93 2.99 1.63
CA PRO A 14 -3.27 3.55 1.38
C PRO A 14 -4.33 3.12 2.39
N TRP A 15 -4.56 1.83 2.55
CA TRP A 15 -5.44 1.34 3.59
C TRP A 15 -5.41 -0.18 3.78
N TYR A 16 -6.38 -0.86 3.18
CA TYR A 16 -6.62 -2.28 3.37
C TYR A 16 -5.57 -3.16 2.70
N CYS A 17 -5.55 -4.44 3.08
CA CYS A 17 -4.72 -5.44 2.43
C CYS A 17 -5.60 -6.54 1.83
N CYS A 1 -5.11 -7.42 5.99
CA CYS A 1 -4.49 -7.49 4.64
C CYS A 1 -4.25 -6.09 4.09
N GLY A 2 -3.01 -5.79 3.77
CA GLY A 2 -2.68 -4.50 3.17
C GLY A 2 -1.77 -4.65 1.98
N GLN A 3 -1.90 -5.78 1.29
CA GLN A 3 -0.99 -6.10 0.20
C GLN A 3 -1.74 -6.27 -1.13
N ARG A 4 -2.77 -5.46 -1.35
CA ARG A 4 -3.51 -5.51 -2.61
C ARG A 4 -2.92 -4.54 -3.65
N GLU A 5 -2.77 -3.26 -3.28
CA GLU A 5 -2.11 -2.29 -4.15
C GLU A 5 -0.95 -1.60 -3.43
N THR A 6 0.27 -1.96 -3.81
CA THR A 6 1.46 -1.63 -3.04
C THR A 6 2.45 -0.82 -3.88
N PRO A 7 2.20 0.49 -4.07
CA PRO A 7 3.08 1.34 -4.87
C PRO A 7 4.42 1.55 -4.18
N GLU A 8 5.44 1.94 -4.94
CA GLU A 8 6.78 2.11 -4.40
C GLU A 8 6.85 3.18 -3.30
N GLY A 9 5.90 4.10 -3.30
CA GLY A 9 5.92 5.19 -2.35
C GLY A 9 5.36 4.81 -1.00
N ALA A 10 4.91 3.57 -0.86
CA ALA A 10 4.32 3.11 0.39
C ALA A 10 4.74 1.68 0.70
N GLU A 11 4.88 0.87 -0.35
CA GLU A 11 5.03 -0.58 -0.23
C GLU A 11 3.92 -1.18 0.66
N ALA A 12 2.74 -0.58 0.58
CA ALA A 12 1.59 -1.03 1.34
C ALA A 12 0.32 -0.40 0.77
N LYS A 13 -0.82 -1.05 0.97
CA LYS A 13 -2.11 -0.45 0.66
C LYS A 13 -2.53 0.53 1.76
N PRO A 14 -2.67 1.86 1.47
CA PRO A 14 -3.00 2.85 2.52
C PRO A 14 -4.23 2.48 3.34
N TRP A 15 -5.21 1.82 2.72
CA TRP A 15 -6.45 1.49 3.39
C TRP A 15 -6.58 0.00 3.76
N TYR A 16 -6.96 -0.81 2.76
CA TYR A 16 -7.14 -2.26 2.93
C TYR A 16 -7.32 -3.00 1.60
N CYS A 17 -7.16 -4.33 1.67
CA CYS A 17 -7.41 -5.21 0.54
C CYS A 17 -8.90 -5.28 0.27
N CYS A 1 -2.22 -6.81 5.36
CA CYS A 1 -2.67 -5.54 4.77
C CYS A 1 -1.48 -4.80 4.14
N GLY A 2 -1.46 -4.70 2.82
CA GLY A 2 -0.37 -4.03 2.15
C GLY A 2 0.30 -4.91 1.11
N GLN A 3 -0.30 -6.07 0.83
CA GLN A 3 0.34 -7.01 -0.09
C GLN A 3 -0.28 -7.02 -1.48
N ARG A 4 -1.40 -6.34 -1.66
CA ARG A 4 -2.17 -6.45 -2.89
C ARG A 4 -2.35 -5.10 -3.57
N GLU A 5 -2.76 -4.09 -2.79
CA GLU A 5 -3.24 -2.84 -3.37
C GLU A 5 -2.23 -1.72 -3.15
N THR A 6 -0.95 -2.09 -3.18
CA THR A 6 0.15 -1.19 -2.85
C THR A 6 1.21 -1.30 -3.97
N PRO A 7 0.90 -0.79 -5.19
CA PRO A 7 1.86 -0.71 -6.31
C PRO A 7 3.24 -0.15 -5.94
N GLU A 8 3.23 0.83 -5.08
CA GLU A 8 4.47 1.45 -4.62
C GLU A 8 4.49 1.52 -3.09
N GLY A 9 3.30 1.54 -2.50
CA GLY A 9 3.17 1.78 -1.08
C GLY A 9 2.74 3.19 -0.76
N ALA A 10 2.93 4.11 -1.71
CA ALA A 10 2.56 5.52 -1.54
C ALA A 10 3.10 6.04 -0.22
N GLU A 11 2.33 6.88 0.46
CA GLU A 11 2.79 7.51 1.69
C GLU A 11 2.49 6.60 2.89
N ALA A 12 3.23 5.47 2.95
CA ALA A 12 3.07 4.47 4.00
C ALA A 12 1.66 3.87 4.06
N LYS A 13 1.11 3.49 2.89
CA LYS A 13 -0.21 2.84 2.79
C LYS A 13 -1.30 3.64 3.52
N PRO A 14 -1.61 4.89 3.04
CA PRO A 14 -2.63 5.74 3.68
C PRO A 14 -3.95 5.03 4.00
N TRP A 15 -4.42 4.19 3.08
CA TRP A 15 -5.60 3.36 3.31
C TRP A 15 -5.57 2.04 2.54
N TYR A 16 -4.37 1.65 2.08
CA TYR A 16 -4.20 0.55 1.13
C TYR A 16 -3.83 -0.76 1.83
N CYS A 17 -4.44 -1.85 1.35
CA CYS A 17 -4.11 -3.21 1.78
C CYS A 17 -3.77 -4.13 0.61
N CYS A 1 0.33 -7.93 5.74
CA CYS A 1 -0.04 -6.63 5.16
C CYS A 1 0.60 -6.49 3.78
N GLY A 2 -0.12 -5.87 2.86
CA GLY A 2 0.37 -5.71 1.51
C GLY A 2 -0.35 -6.64 0.58
N GLN A 3 -1.67 -6.61 0.66
CA GLN A 3 -2.51 -7.45 -0.14
C GLN A 3 -2.59 -6.88 -1.55
N ARG A 4 -1.49 -7.01 -2.24
CA ARG A 4 -1.34 -6.57 -3.61
C ARG A 4 -1.34 -5.05 -3.75
N GLU A 5 -2.04 -4.34 -2.88
CA GLU A 5 -2.09 -2.88 -2.96
C GLU A 5 -0.84 -2.29 -2.28
N THR A 6 0.29 -2.38 -2.96
CA THR A 6 1.59 -2.01 -2.41
C THR A 6 2.27 -1.01 -3.35
N PRO A 7 1.82 0.27 -3.48
CA PRO A 7 2.53 1.23 -4.32
C PRO A 7 3.96 1.42 -3.84
N GLU A 8 4.82 1.97 -4.70
CA GLU A 8 6.22 2.18 -4.34
C GLU A 8 6.29 3.11 -3.14
N GLY A 9 5.39 4.08 -3.15
CA GLY A 9 5.33 5.04 -2.08
C GLY A 9 4.04 4.94 -1.27
N ALA A 10 3.82 5.85 -0.32
CA ALA A 10 2.59 5.81 0.47
C ALA A 10 1.29 6.04 -0.32
N GLU A 11 1.42 6.98 -1.28
CA GLU A 11 0.34 7.43 -2.18
C GLU A 11 -0.91 7.77 -1.39
N ALA A 12 -0.73 8.16 -0.13
CA ALA A 12 -1.84 8.53 0.76
C ALA A 12 -2.93 7.47 0.66
N LYS A 13 -2.51 6.21 0.71
CA LYS A 13 -3.41 5.04 0.66
C LYS A 13 -4.63 5.18 1.58
N PRO A 14 -5.88 5.13 1.02
CA PRO A 14 -7.08 5.39 1.81
C PRO A 14 -7.17 4.51 3.06
N TRP A 15 -7.13 3.20 2.87
CA TRP A 15 -7.49 2.25 3.90
C TRP A 15 -6.90 0.85 3.62
N TYR A 16 -7.17 -0.11 4.50
CA TYR A 16 -6.72 -1.50 4.33
C TYR A 16 -5.21 -1.61 4.54
N CYS A 17 -4.69 -2.80 4.28
CA CYS A 17 -3.32 -3.12 4.64
C CYS A 17 -2.95 -4.45 3.99
N CYS A 1 5.10 -3.92 5.37
CA CYS A 1 3.96 -3.07 4.99
C CYS A 1 4.22 -2.38 3.65
N GLY A 2 3.18 -1.82 3.07
CA GLY A 2 3.33 -1.14 1.79
C GLY A 2 3.15 -2.08 0.63
N GLN A 3 2.18 -2.98 0.77
CA GLN A 3 1.91 -3.96 -0.26
C GLN A 3 0.54 -3.68 -0.83
N ARG A 4 0.12 -4.55 -1.74
CA ARG A 4 -1.22 -4.50 -2.33
C ARG A 4 -1.37 -3.31 -3.27
N GLU A 5 -0.87 -3.48 -4.50
CA GLU A 5 -0.97 -2.45 -5.51
C GLU A 5 -0.16 -1.22 -5.11
N THR A 6 1.13 -1.43 -4.88
CA THR A 6 2.05 -0.37 -4.50
C THR A 6 3.28 -0.37 -5.42
N PRO A 7 3.18 0.22 -6.63
CA PRO A 7 4.29 0.20 -7.59
C PRO A 7 5.58 0.73 -6.97
N GLU A 8 6.66 -0.06 -7.14
CA GLU A 8 7.99 0.17 -6.55
C GLU A 8 7.95 0.36 -5.03
N GLY A 9 6.91 -0.14 -4.38
CA GLY A 9 6.77 0.02 -2.96
C GLY A 9 6.02 1.28 -2.59
N ALA A 10 5.74 2.10 -3.60
CA ALA A 10 5.09 3.40 -3.41
C ALA A 10 5.72 4.16 -2.24
N GLU A 11 4.88 4.78 -1.42
CA GLU A 11 5.34 5.39 -0.17
C GLU A 11 4.62 4.77 1.02
N ALA A 12 3.31 4.56 0.87
CA ALA A 12 2.49 3.94 1.90
C ALA A 12 1.18 3.48 1.28
N LYS A 13 0.56 2.47 1.87
CA LYS A 13 -0.80 2.06 1.50
C LYS A 13 -1.82 2.82 2.36
N PRO A 14 -2.81 3.56 1.75
CA PRO A 14 -3.80 4.31 2.54
C PRO A 14 -4.62 3.45 3.48
N TRP A 15 -4.69 2.16 3.19
CA TRP A 15 -5.44 1.23 4.02
C TRP A 15 -4.57 0.09 4.55
N TYR A 16 -4.92 -0.44 5.72
CA TYR A 16 -4.23 -1.59 6.30
C TYR A 16 -2.78 -1.21 6.59
N CYS A 17 -1.83 -1.96 6.04
CA CYS A 17 -0.44 -1.66 6.28
C CYS A 17 0.41 -2.43 5.27
N CYS A 1 -1.25 -6.30 6.46
CA CYS A 1 -2.27 -5.39 5.92
C CYS A 1 -1.79 -4.70 4.65
N GLY A 2 -0.97 -3.65 4.80
CA GLY A 2 -0.62 -2.77 3.69
C GLY A 2 0.38 -3.39 2.71
N GLN A 3 -0.01 -4.48 2.05
CA GLN A 3 0.80 -5.11 1.04
C GLN A 3 0.10 -5.07 -0.32
N ARG A 4 -1.19 -5.32 -0.31
CA ARG A 4 -1.96 -5.41 -1.55
C ARG A 4 -2.29 -4.03 -2.09
N GLU A 5 -2.14 -3.89 -3.40
CA GLU A 5 -2.41 -2.63 -4.09
C GLU A 5 -1.61 -1.51 -3.47
N THR A 6 -0.29 -1.68 -3.47
CA THR A 6 0.62 -0.71 -2.89
C THR A 6 1.65 -0.25 -3.93
N PRO A 7 1.34 0.83 -4.67
CA PRO A 7 2.22 1.34 -5.73
C PRO A 7 3.60 1.70 -5.21
N GLU A 8 4.61 1.57 -6.06
CA GLU A 8 5.99 1.84 -5.68
C GLU A 8 6.16 3.30 -5.25
N GLY A 9 5.31 4.17 -5.79
CA GLY A 9 5.41 5.59 -5.49
C GLY A 9 4.62 5.97 -4.26
N ALA A 10 4.01 4.98 -3.62
CA ALA A 10 3.19 5.23 -2.44
C ALA A 10 4.03 5.15 -1.19
N GLU A 11 3.99 6.20 -0.37
CA GLU A 11 4.72 6.23 0.90
C GLU A 11 4.18 5.18 1.86
N ALA A 12 2.87 4.95 1.80
CA ALA A 12 2.22 4.00 2.68
C ALA A 12 0.86 3.61 2.10
N LYS A 13 0.32 2.48 2.54
CA LYS A 13 -1.04 2.06 2.22
C LYS A 13 -2.05 3.11 2.77
N PRO A 14 -2.91 3.74 1.90
CA PRO A 14 -3.88 4.73 2.37
C PRO A 14 -4.72 4.25 3.56
N TRP A 15 -5.34 3.08 3.40
CA TRP A 15 -6.25 2.56 4.41
C TRP A 15 -6.57 1.09 4.17
N TYR A 16 -7.45 0.53 5.02
CA TYR A 16 -7.91 -0.86 4.88
C TYR A 16 -6.77 -1.83 5.19
N CYS A 17 -7.06 -3.11 5.07
CA CYS A 17 -6.13 -4.16 5.43
C CYS A 17 -6.41 -5.34 4.52
N CYS A 1 -3.87 -3.42 5.39
CA CYS A 1 -3.30 -4.29 4.34
C CYS A 1 -2.31 -3.52 3.47
N GLY A 2 -1.14 -4.13 3.25
CA GLY A 2 -0.15 -3.51 2.39
C GLY A 2 0.42 -4.52 1.42
N GLN A 3 -0.37 -5.52 1.07
CA GLN A 3 0.13 -6.64 0.28
C GLN A 3 -0.25 -6.49 -1.20
N ARG A 4 -1.36 -5.79 -1.47
CA ARG A 4 -1.88 -5.69 -2.82
C ARG A 4 -2.04 -4.22 -3.24
N GLU A 5 -2.89 -3.48 -2.51
CA GLU A 5 -3.24 -2.12 -2.92
C GLU A 5 -2.20 -1.11 -2.46
N THR A 6 -1.02 -1.20 -3.04
CA THR A 6 0.10 -0.30 -2.71
C THR A 6 0.68 0.29 -4.00
N PRO A 7 0.03 1.33 -4.56
CA PRO A 7 0.45 1.92 -5.84
C PRO A 7 1.90 2.35 -5.86
N GLU A 8 2.55 2.16 -7.00
CA GLU A 8 3.96 2.51 -7.17
C GLU A 8 4.18 4.01 -6.81
N GLY A 9 5.14 4.36 -5.94
CA GLY A 9 5.34 5.76 -5.64
C GLY A 9 4.53 6.22 -4.46
N ALA A 10 3.58 5.41 -4.01
CA ALA A 10 2.76 5.78 -2.85
C ALA A 10 3.63 5.88 -1.61
N GLU A 11 4.57 4.94 -1.50
CA GLU A 11 5.45 4.81 -0.32
C GLU A 11 4.65 4.86 0.99
N ALA A 12 3.50 4.20 0.98
CA ALA A 12 2.58 4.20 2.10
C ALA A 12 1.60 3.03 1.95
N LYS A 13 1.00 2.60 3.04
CA LYS A 13 -0.11 1.66 2.98
C LYS A 13 -1.47 2.38 3.09
N PRO A 14 -2.26 2.51 1.98
CA PRO A 14 -3.51 3.29 2.00
C PRO A 14 -4.46 2.88 3.13
N TRP A 15 -4.90 1.63 3.15
CA TRP A 15 -5.80 1.17 4.20
C TRP A 15 -6.11 -0.33 4.15
N TYR A 16 -6.86 -0.73 3.13
CA TYR A 16 -7.27 -2.12 2.93
C TYR A 16 -7.15 -2.58 1.48
N CYS A 17 -7.20 -3.90 1.31
CA CYS A 17 -7.05 -4.53 -0.01
C CYS A 17 -8.34 -5.24 -0.37
N CYS A 1 4.60 3.84 6.30
CA CYS A 1 4.47 2.37 6.34
C CYS A 1 3.77 1.87 5.07
N GLY A 2 4.51 1.17 4.21
CA GLY A 2 3.95 0.75 2.93
C GLY A 2 3.70 -0.73 2.89
N GLN A 3 3.37 -1.32 4.03
CA GLN A 3 3.13 -2.75 4.11
C GLN A 3 1.83 -3.11 3.42
N ARG A 4 1.61 -4.41 3.26
CA ARG A 4 0.43 -4.95 2.59
C ARG A 4 0.38 -4.58 1.11
N GLU A 5 1.54 -4.71 0.45
CA GLU A 5 1.65 -4.66 -1.01
C GLU A 5 1.17 -3.31 -1.55
N THR A 6 1.91 -2.27 -1.21
CA THR A 6 1.67 -0.95 -1.76
C THR A 6 2.48 -0.76 -3.06
N PRO A 7 2.00 0.09 -3.98
CA PRO A 7 2.74 0.39 -5.21
C PRO A 7 3.99 1.21 -4.91
N GLU A 8 4.93 1.20 -5.84
CA GLU A 8 6.21 1.89 -5.65
C GLU A 8 6.01 3.40 -5.47
N GLY A 9 4.91 3.92 -5.99
CA GLY A 9 4.66 5.35 -5.93
C GLY A 9 4.00 5.76 -4.63
N ALA A 10 3.74 4.78 -3.76
CA ALA A 10 3.08 5.05 -2.49
C ALA A 10 4.09 5.48 -1.44
N GLU A 11 3.66 6.32 -0.51
CA GLU A 11 4.45 6.60 0.68
C GLU A 11 3.98 5.73 1.85
N ALA A 12 2.72 5.30 1.78
CA ALA A 12 2.12 4.50 2.83
C ALA A 12 0.88 3.80 2.30
N LYS A 13 0.47 2.71 2.97
CA LYS A 13 -0.80 2.04 2.69
C LYS A 13 -1.98 3.00 2.93
N PRO A 14 -2.87 3.26 1.93
CA PRO A 14 -3.98 4.21 2.09
C PRO A 14 -4.85 3.95 3.33
N TRP A 15 -4.95 2.69 3.74
CA TRP A 15 -5.80 2.36 4.88
C TRP A 15 -5.03 2.17 6.19
N TYR A 16 -4.34 1.04 6.30
CA TYR A 16 -3.52 0.72 7.47
C TYR A 16 -2.58 -0.46 7.26
N CYS A 17 -1.56 -0.51 8.11
CA CYS A 17 -0.63 -1.62 8.16
C CYS A 17 -1.04 -2.58 9.26
N CYS A 1 0.85 -8.15 5.47
CA CYS A 1 -0.41 -8.13 4.68
C CYS A 1 -0.50 -6.89 3.81
N GLY A 2 0.37 -5.91 4.06
CA GLY A 2 0.32 -4.65 3.34
C GLY A 2 0.91 -4.77 1.94
N GLN A 3 0.26 -5.58 1.10
CA GLN A 3 0.67 -5.74 -0.29
C GLN A 3 -0.44 -5.27 -1.22
N ARG A 4 -1.69 -5.37 -0.78
CA ARG A 4 -2.83 -5.07 -1.62
C ARG A 4 -2.95 -3.56 -1.80
N GLU A 5 -3.09 -3.15 -3.05
CA GLU A 5 -3.22 -1.74 -3.41
C GLU A 5 -2.07 -0.94 -2.84
N THR A 6 -0.87 -1.29 -3.29
CA THR A 6 0.36 -0.65 -2.85
C THR A 6 1.16 -0.16 -4.06
N PRO A 7 0.81 1.03 -4.59
CA PRO A 7 1.48 1.61 -5.77
C PRO A 7 2.99 1.75 -5.57
N GLU A 8 3.74 1.65 -6.65
CA GLU A 8 5.20 1.69 -6.60
C GLU A 8 5.68 3.01 -6.00
N GLY A 9 4.93 4.08 -6.26
CA GLY A 9 5.31 5.39 -5.78
C GLY A 9 4.74 5.71 -4.43
N ALA A 10 4.09 4.74 -3.81
CA ALA A 10 3.44 4.97 -2.53
C ALA A 10 4.48 5.22 -1.45
N GLU A 11 4.13 6.06 -0.49
CA GLU A 11 4.99 6.28 0.68
C GLU A 11 4.45 5.51 1.88
N ALA A 12 3.22 5.03 1.75
CA ALA A 12 2.49 4.37 2.83
C ALA A 12 1.40 3.50 2.22
N LYS A 13 0.83 2.58 2.99
CA LYS A 13 -0.30 1.75 2.55
C LYS A 13 -1.58 2.60 2.55
N PRO A 14 -2.27 2.80 1.38
CA PRO A 14 -3.43 3.70 1.33
C PRO A 14 -4.67 3.09 1.95
N TRP A 15 -4.63 1.78 2.15
CA TRP A 15 -5.78 1.03 2.57
C TRP A 15 -5.38 -0.37 3.05
N TYR A 16 -6.33 -1.14 3.56
CA TYR A 16 -6.14 -2.58 3.83
C TYR A 16 -5.37 -2.76 5.13
N CYS A 17 -4.07 -2.47 5.09
CA CYS A 17 -3.22 -2.65 6.25
C CYS A 17 -2.43 -1.36 6.52
N CYS A 1 3.14 -5.70 -1.04
CA CYS A 1 1.74 -5.48 -1.48
C CYS A 1 1.46 -4.00 -1.70
N GLY A 2 0.20 -3.65 -1.96
CA GLY A 2 -0.17 -2.26 -2.06
C GLY A 2 0.27 -1.65 -3.37
N GLN A 3 0.55 -2.50 -4.35
CA GLN A 3 1.05 -2.04 -5.64
C GLN A 3 -0.08 -1.86 -6.63
N ARG A 4 -1.29 -2.26 -6.24
CA ARG A 4 -2.39 -2.32 -7.19
C ARG A 4 -2.75 -0.91 -7.65
N GLU A 5 -2.37 -0.60 -8.88
CA GLU A 5 -2.58 0.72 -9.49
C GLU A 5 -1.99 1.81 -8.59
N THR A 6 -0.94 1.45 -7.87
CA THR A 6 -0.22 2.40 -7.01
C THR A 6 1.23 1.93 -6.82
N PRO A 7 2.10 2.18 -7.83
CA PRO A 7 3.51 1.77 -7.77
C PRO A 7 4.21 2.25 -6.51
N GLU A 8 4.99 1.34 -5.89
CA GLU A 8 5.78 1.59 -4.67
C GLU A 8 4.89 1.97 -3.47
N GLY A 9 3.59 1.81 -3.63
CA GLY A 9 2.66 2.05 -2.53
C GLY A 9 2.42 3.53 -2.30
N ALA A 10 2.98 4.36 -3.19
CA ALA A 10 2.94 5.83 -3.05
C ALA A 10 3.39 6.26 -1.65
N GLU A 11 4.59 5.82 -1.26
CA GLU A 11 5.17 6.12 0.07
C GLU A 11 4.43 5.36 1.18
N ALA A 12 3.11 5.54 1.24
CA ALA A 12 2.28 4.80 2.18
C ALA A 12 0.90 4.62 1.58
N LYS A 13 0.50 3.37 1.37
CA LYS A 13 -0.80 3.05 0.78
C LYS A 13 -1.90 3.03 1.86
N PRO A 14 -2.91 3.95 1.81
CA PRO A 14 -3.97 3.99 2.85
C PRO A 14 -4.98 2.86 2.75
N TRP A 15 -5.60 2.55 3.90
CA TRP A 15 -6.70 1.59 4.07
C TRP A 15 -6.38 0.12 3.77
N TYR A 16 -5.98 -0.16 2.52
CA TYR A 16 -5.68 -1.52 2.08
C TYR A 16 -4.31 -1.60 1.39
N CYS A 17 -3.71 -2.77 1.50
CA CYS A 17 -2.42 -3.04 0.88
C CYS A 17 -2.53 -4.20 -0.11
N CYS A 1 1.74 -6.65 6.86
CA CYS A 1 0.81 -6.71 5.71
C CYS A 1 1.48 -6.14 4.45
N GLY A 2 0.94 -6.50 3.29
CA GLY A 2 1.47 -6.01 2.04
C GLY A 2 0.53 -6.27 0.89
N GLN A 3 -0.73 -6.59 1.19
CA GLN A 3 -1.69 -6.92 0.17
C GLN A 3 -2.71 -5.81 0.12
N ARG A 4 -3.52 -5.85 -0.93
CA ARG A 4 -4.69 -4.99 -1.08
C ARG A 4 -4.26 -3.54 -1.25
N GLU A 5 -3.88 -3.20 -2.48
CA GLU A 5 -3.56 -1.83 -2.87
C GLU A 5 -2.31 -1.32 -2.15
N THR A 6 -1.18 -1.92 -2.48
CA THR A 6 0.10 -1.56 -1.87
C THR A 6 1.14 -1.31 -2.96
N PRO A 7 1.09 -0.13 -3.62
CA PRO A 7 2.00 0.22 -4.73
C PRO A 7 3.47 0.10 -4.36
N GLU A 8 4.25 -0.42 -5.30
CA GLU A 8 5.69 -0.57 -5.13
C GLU A 8 6.35 0.82 -4.85
N GLY A 9 7.18 0.97 -3.81
CA GLY A 9 7.81 2.26 -3.58
C GLY A 9 6.92 3.22 -2.83
N ALA A 10 5.71 2.80 -2.47
CA ALA A 10 4.79 3.69 -1.77
C ALA A 10 5.39 4.13 -0.44
N GLU A 11 5.15 5.36 -0.07
CA GLU A 11 5.56 5.88 1.23
C GLU A 11 4.59 5.44 2.32
N ALA A 12 3.36 5.15 1.90
CA ALA A 12 2.32 4.72 2.80
C ALA A 12 1.25 3.96 2.03
N LYS A 13 0.57 3.01 2.70
CA LYS A 13 -0.50 2.24 2.11
C LYS A 13 -1.78 3.10 2.11
N PRO A 14 -2.40 3.40 0.93
CA PRO A 14 -3.61 4.23 0.89
C PRO A 14 -4.71 3.73 1.83
N TRP A 15 -4.78 2.42 1.98
CA TRP A 15 -5.75 1.80 2.85
C TRP A 15 -5.40 0.32 3.06
N TYR A 16 -6.19 -0.38 3.89
CA TYR A 16 -6.04 -1.82 4.12
C TYR A 16 -4.76 -2.16 4.89
N CYS A 17 -4.79 -3.28 5.58
CA CYS A 17 -3.57 -3.90 6.07
C CYS A 17 -3.86 -5.33 6.49
N CYS A 1 -1.51 -3.57 6.23
CA CYS A 1 -2.18 -4.17 5.05
C CYS A 1 -1.44 -3.76 3.77
N GLY A 2 -0.35 -4.45 3.47
CA GLY A 2 0.42 -4.13 2.28
C GLY A 2 0.58 -5.31 1.35
N GLN A 3 -0.37 -6.26 1.39
CA GLN A 3 -0.26 -7.49 0.62
C GLN A 3 -0.94 -7.37 -0.74
N ARG A 4 -1.62 -6.25 -0.96
CA ARG A 4 -2.34 -6.01 -2.20
C ARG A 4 -2.57 -4.53 -2.43
N GLU A 5 -2.62 -4.14 -3.70
CA GLU A 5 -2.99 -2.80 -4.12
C GLU A 5 -2.15 -1.73 -3.42
N THR A 6 -0.85 -1.85 -3.58
CA THR A 6 0.11 -0.92 -3.01
C THR A 6 0.87 -0.22 -4.14
N PRO A 7 0.45 1.01 -4.50
CA PRO A 7 1.08 1.73 -5.61
C PRO A 7 2.58 1.85 -5.42
N GLU A 8 3.31 1.76 -6.52
CA GLU A 8 4.77 1.78 -6.49
C GLU A 8 5.28 3.10 -5.90
N GLY A 9 4.50 4.15 -6.13
CA GLY A 9 4.90 5.48 -5.71
C GLY A 9 4.42 5.78 -4.29
N ALA A 10 3.81 4.78 -3.65
CA ALA A 10 3.27 4.98 -2.31
C ALA A 10 4.37 4.80 -1.27
N GLU A 11 4.31 5.56 -0.19
CA GLU A 11 5.19 5.33 0.95
C GLU A 11 4.56 4.35 1.94
N ALA A 12 3.24 4.30 1.92
CA ALA A 12 2.47 3.46 2.82
C ALA A 12 1.07 3.24 2.26
N LYS A 13 0.39 2.18 2.68
CA LYS A 13 -1.01 1.91 2.31
C LYS A 13 -1.91 3.10 2.70
N PRO A 14 -2.53 3.84 1.72
CA PRO A 14 -3.24 5.11 2.02
C PRO A 14 -4.37 4.99 3.05
N TRP A 15 -5.46 4.33 2.65
CA TRP A 15 -6.69 4.34 3.44
C TRP A 15 -7.26 2.93 3.66
N TYR A 16 -7.00 2.03 2.71
CA TYR A 16 -7.73 0.77 2.63
C TYR A 16 -6.89 -0.42 3.07
N CYS A 17 -7.53 -1.56 3.19
CA CYS A 17 -6.86 -2.80 3.54
C CYS A 17 -7.24 -3.93 2.56
N CYS A 1 5.57 -6.46 4.40
CA CYS A 1 4.48 -6.65 3.41
C CYS A 1 4.38 -5.44 2.49
N GLY A 2 3.75 -5.63 1.34
CA GLY A 2 3.65 -4.58 0.35
C GLY A 2 2.69 -4.94 -0.76
N GLN A 3 1.59 -5.61 -0.41
CA GLN A 3 0.69 -6.19 -1.39
C GLN A 3 -0.63 -5.45 -1.36
N ARG A 4 -1.42 -5.68 -2.39
CA ARG A 4 -2.82 -5.28 -2.43
C ARG A 4 -2.95 -3.75 -2.42
N GLU A 5 -2.69 -3.13 -3.58
CA GLU A 5 -2.92 -1.71 -3.78
C GLU A 5 -2.04 -0.87 -2.87
N THR A 6 -0.81 -1.34 -2.66
CA THR A 6 0.17 -0.60 -1.87
C THR A 6 1.49 -0.47 -2.61
N PRO A 7 1.50 0.22 -3.77
CA PRO A 7 2.71 0.40 -4.59
C PRO A 7 3.72 1.33 -3.91
N GLU A 8 5.01 1.10 -4.18
CA GLU A 8 6.07 1.91 -3.61
C GLU A 8 5.94 3.38 -3.98
N GLY A 9 5.45 3.65 -5.19
CA GLY A 9 5.34 5.01 -5.67
C GLY A 9 4.34 5.84 -4.87
N ALA A 10 3.52 5.17 -4.07
CA ALA A 10 2.54 5.87 -3.24
C ALA A 10 3.20 6.48 -2.01
N GLU A 11 4.35 5.91 -1.62
CA GLU A 11 5.05 6.26 -0.38
C GLU A 11 4.07 6.30 0.81
N ALA A 12 3.12 5.37 0.80
CA ALA A 12 2.09 5.32 1.82
C ALA A 12 1.38 3.96 1.76
N LYS A 13 0.73 3.57 2.85
CA LYS A 13 -0.14 2.40 2.85
C LYS A 13 -1.50 2.77 3.47
N PRO A 14 -2.40 3.48 2.74
CA PRO A 14 -3.72 3.85 3.29
C PRO A 14 -4.53 2.67 3.79
N TRP A 15 -4.25 1.49 3.25
CA TRP A 15 -4.96 0.28 3.66
C TRP A 15 -4.20 -1.00 3.30
N TYR A 16 -4.78 -2.15 3.65
CA TYR A 16 -4.20 -3.46 3.31
C TYR A 16 -2.90 -3.68 4.08
N CYS A 17 -1.84 -4.05 3.37
CA CYS A 17 -0.57 -4.37 3.99
C CYS A 17 0.49 -4.43 2.90
N CYS A 1 -2.93 -4.69 5.37
CA CYS A 1 -1.98 -5.60 4.69
C CYS A 1 -0.98 -4.79 3.87
N GLY A 2 -0.06 -5.48 3.19
CA GLY A 2 0.83 -4.84 2.25
C GLY A 2 0.89 -5.60 0.94
N GLN A 3 -0.10 -6.46 0.69
CA GLN A 3 -0.05 -7.34 -0.47
C GLN A 3 -1.13 -6.97 -1.48
N ARG A 4 -1.74 -5.82 -1.26
CA ARG A 4 -2.83 -5.36 -2.13
C ARG A 4 -2.75 -3.85 -2.31
N GLU A 5 -2.81 -3.45 -3.58
CA GLU A 5 -2.92 -2.05 -3.99
C GLU A 5 -1.93 -1.15 -3.25
N THR A 6 -0.80 -1.74 -2.92
CA THR A 6 0.16 -1.13 -2.01
C THR A 6 1.25 -0.44 -2.83
N PRO A 7 1.46 0.88 -2.63
CA PRO A 7 2.50 1.63 -3.35
C PRO A 7 3.87 0.98 -3.20
N GLU A 8 4.68 1.10 -4.24
CA GLU A 8 6.01 0.48 -4.26
C GLU A 8 6.87 1.01 -3.12
N GLY A 9 6.63 2.26 -2.75
CA GLY A 9 7.42 2.90 -1.72
C GLY A 9 6.80 2.74 -0.35
N ALA A 10 5.74 1.96 -0.27
CA ALA A 10 5.02 1.79 0.98
C ALA A 10 5.44 0.48 1.66
N GLU A 11 5.41 0.48 2.98
CA GLU A 11 5.63 -0.74 3.75
C GLU A 11 4.33 -1.51 3.93
N ALA A 12 3.22 -0.77 3.90
CA ALA A 12 1.89 -1.35 4.09
C ALA A 12 0.84 -0.42 3.50
N LYS A 13 -0.33 -0.96 3.17
CA LYS A 13 -1.45 -0.18 2.66
C LYS A 13 -2.20 0.47 3.84
N PRO A 14 -2.19 1.84 3.98
CA PRO A 14 -2.94 2.53 5.05
C PRO A 14 -4.45 2.32 5.02
N TRP A 15 -4.96 1.92 3.87
CA TRP A 15 -6.41 1.82 3.66
C TRP A 15 -6.87 0.36 3.56
N TYR A 16 -8.16 0.19 3.25
CA TYR A 16 -8.79 -1.13 3.08
C TYR A 16 -7.89 -2.12 2.35
N CYS A 17 -8.02 -3.38 2.74
CA CYS A 17 -7.38 -4.49 2.05
C CYS A 17 -8.30 -5.71 1.98
N CYS A 1 4.16 -4.18 3.98
CA CYS A 1 3.25 -4.99 3.14
C CYS A 1 2.97 -4.27 1.82
N GLY A 2 2.30 -4.97 0.91
CA GLY A 2 2.04 -4.42 -0.42
C GLY A 2 0.96 -5.20 -1.13
N GLN A 3 -0.05 -5.66 -0.39
CA GLN A 3 -0.97 -6.66 -0.89
C GLN A 3 -1.66 -6.11 -2.12
N ARG A 4 -2.06 -7.02 -3.00
CA ARG A 4 -2.86 -6.70 -4.18
C ARG A 4 -2.12 -5.71 -5.09
N GLU A 5 -0.82 -5.94 -5.27
CA GLU A 5 -0.02 -5.17 -6.21
C GLU A 5 -0.03 -3.68 -5.88
N THR A 6 0.23 -3.37 -4.61
CA THR A 6 0.37 -1.98 -4.20
C THR A 6 1.74 -1.43 -4.58
N PRO A 7 1.78 -0.31 -5.33
CA PRO A 7 3.04 0.30 -5.79
C PRO A 7 3.77 1.00 -4.64
N GLU A 8 5.10 0.91 -4.66
CA GLU A 8 5.93 1.59 -3.66
C GLU A 8 5.84 3.11 -3.78
N GLY A 9 5.51 3.59 -4.98
CA GLY A 9 5.46 5.02 -5.21
C GLY A 9 4.43 5.73 -4.36
N ALA A 10 3.52 4.97 -3.77
CA ALA A 10 2.51 5.54 -2.87
C ALA A 10 3.16 6.18 -1.66
N GLU A 11 4.25 5.56 -1.19
CA GLU A 11 4.94 5.98 0.04
C GLU A 11 3.94 6.10 1.21
N ALA A 12 2.85 5.35 1.13
CA ALA A 12 1.81 5.38 2.14
C ALA A 12 0.82 4.24 1.89
N LYS A 13 0.13 3.81 2.93
CA LYS A 13 -1.05 2.96 2.77
C LYS A 13 -2.09 3.33 3.84
N PRO A 14 -2.90 4.42 3.65
CA PRO A 14 -3.82 4.90 4.70
C PRO A 14 -4.86 3.85 5.10
N TRP A 15 -5.10 2.88 4.24
CA TRP A 15 -6.07 1.84 4.53
C TRP A 15 -5.68 0.49 3.91
N TYR A 16 -6.17 -0.60 4.50
CA TYR A 16 -5.79 -1.96 4.11
C TYR A 16 -4.34 -2.24 4.50
N CYS A 17 -3.58 -2.82 3.57
CA CYS A 17 -2.20 -3.19 3.82
C CYS A 17 -1.56 -3.59 2.50
N CYS A 1 -1.87 -8.02 5.24
CA CYS A 1 -1.89 -7.96 3.76
C CYS A 1 -1.44 -6.58 3.26
N GLY A 2 -0.51 -5.96 3.97
CA GLY A 2 -0.18 -4.56 3.72
C GLY A 2 0.65 -4.38 2.47
N GLN A 3 0.28 -5.08 1.41
CA GLN A 3 0.81 -4.82 0.07
C GLN A 3 -0.33 -4.42 -0.87
N ARG A 4 -1.56 -4.54 -0.39
CA ARG A 4 -2.72 -4.20 -1.21
C ARG A 4 -2.63 -2.76 -1.66
N GLU A 5 -2.69 -2.56 -2.97
CA GLU A 5 -2.74 -1.23 -3.57
C GLU A 5 -1.57 -0.37 -3.07
N THR A 6 -0.37 -0.91 -3.24
CA THR A 6 0.86 -0.21 -2.89
C THR A 6 1.77 -0.10 -4.12
N PRO A 7 1.49 0.87 -5.01
CA PRO A 7 2.32 1.11 -6.21
C PRO A 7 3.77 1.38 -5.85
N GLU A 8 4.65 1.29 -6.85
CA GLU A 8 6.07 1.54 -6.66
C GLU A 8 6.32 2.93 -6.08
N GLY A 9 5.43 3.85 -6.41
CA GLY A 9 5.58 5.22 -5.93
C GLY A 9 4.79 5.48 -4.66
N ALA A 10 4.31 4.42 -4.04
CA ALA A 10 3.50 4.56 -2.85
C ALA A 10 4.29 5.27 -1.75
N GLU A 11 3.60 6.11 -0.98
CA GLU A 11 4.23 6.81 0.13
C GLU A 11 4.02 6.06 1.44
N ALA A 12 2.91 5.33 1.50
CA ALA A 12 2.46 4.66 2.71
C ALA A 12 1.45 3.60 2.32
N LYS A 13 1.22 2.61 3.19
CA LYS A 13 0.08 1.67 3.05
C LYS A 13 -1.23 2.48 3.03
N PRO A 14 -2.14 2.28 2.02
CA PRO A 14 -3.39 3.04 1.96
C PRO A 14 -4.33 2.72 3.11
N TRP A 15 -5.02 1.60 2.98
CA TRP A 15 -5.94 1.13 3.99
C TRP A 15 -6.42 -0.28 3.68
N TYR A 16 -7.34 -0.80 4.50
CA TYR A 16 -8.03 -2.07 4.22
C TYR A 16 -7.10 -3.25 4.56
N CYS A 17 -5.93 -2.95 5.08
CA CYS A 17 -5.04 -3.96 5.61
C CYS A 17 -4.40 -3.49 6.91
N CYS A 1 0.31 -2.99 5.49
CA CYS A 1 0.17 -3.82 4.28
C CYS A 1 0.52 -3.00 3.04
N GLY A 2 1.37 -3.55 2.17
CA GLY A 2 1.72 -2.85 0.94
C GLY A 2 1.40 -3.67 -0.30
N GLN A 3 0.29 -4.39 -0.26
CA GLN A 3 -0.11 -5.22 -1.38
C GLN A 3 -1.28 -4.57 -2.10
N ARG A 4 -1.41 -4.89 -3.38
CA ARG A 4 -2.56 -4.49 -4.21
C ARG A 4 -2.56 -2.97 -4.41
N GLU A 5 -2.71 -2.55 -5.67
CA GLU A 5 -2.87 -1.13 -6.00
C GLU A 5 -1.80 -0.28 -5.30
N THR A 6 -0.56 -0.78 -5.30
CA THR A 6 0.52 -0.10 -4.61
C THR A 6 1.73 0.08 -5.53
N PRO A 7 1.85 1.25 -6.18
CA PRO A 7 2.94 1.53 -7.12
C PRO A 7 4.27 1.73 -6.41
N GLU A 8 5.36 1.64 -7.16
CA GLU A 8 6.70 1.78 -6.59
C GLU A 8 6.89 3.18 -5.98
N GLY A 9 6.13 4.14 -6.50
CA GLY A 9 6.26 5.52 -6.05
C GLY A 9 5.38 5.81 -4.85
N ALA A 10 4.70 4.79 -4.35
CA ALA A 10 3.80 4.94 -3.22
C ALA A 10 4.59 5.33 -1.99
N GLU A 11 4.02 6.16 -1.15
CA GLU A 11 4.60 6.45 0.15
C GLU A 11 3.97 5.55 1.22
N ALA A 12 2.72 5.21 1.01
CA ALA A 12 1.97 4.39 1.96
C ALA A 12 0.71 3.85 1.28
N LYS A 13 0.16 2.76 1.82
CA LYS A 13 -1.18 2.29 1.45
C LYS A 13 -2.24 2.95 2.34
N PRO A 14 -3.26 3.68 1.76
CA PRO A 14 -4.27 4.37 2.57
C PRO A 14 -4.93 3.50 3.63
N TRP A 15 -5.10 2.21 3.35
CA TRP A 15 -5.72 1.31 4.31
C TRP A 15 -5.61 -0.17 3.95
N TYR A 16 -6.76 -0.77 3.59
CA TYR A 16 -6.87 -2.22 3.42
C TYR A 16 -6.22 -2.73 2.14
N CYS A 17 -5.97 -4.04 2.13
CA CYS A 17 -5.51 -4.75 0.94
C CYS A 17 -6.53 -5.81 0.53
N CYS A 1 -0.31 -5.12 7.39
CA CYS A 1 -0.65 -5.77 6.10
C CYS A 1 -0.32 -4.84 4.94
N GLY A 2 0.24 -5.39 3.87
CA GLY A 2 0.51 -4.59 2.67
C GLY A 2 0.12 -5.32 1.41
N GLN A 3 -0.97 -6.06 1.46
CA GLN A 3 -1.36 -6.91 0.35
C GLN A 3 -2.26 -6.15 -0.61
N ARG A 4 -1.79 -6.02 -1.84
CA ARG A 4 -2.54 -5.36 -2.92
C ARG A 4 -2.73 -3.86 -2.64
N GLU A 5 -2.71 -3.07 -3.72
CA GLU A 5 -2.88 -1.62 -3.66
C GLU A 5 -1.77 -0.98 -2.81
N THR A 6 -0.59 -1.54 -2.92
CA THR A 6 0.57 -1.02 -2.20
C THR A 6 1.75 -0.84 -3.16
N PRO A 7 1.76 0.25 -3.95
CA PRO A 7 2.86 0.51 -4.88
C PRO A 7 4.14 0.87 -4.15
N GLU A 8 5.19 1.20 -4.90
CA GLU A 8 6.48 1.51 -4.31
C GLU A 8 6.41 2.71 -3.38
N GLY A 9 5.40 3.56 -3.58
CA GLY A 9 5.25 4.75 -2.75
C GLY A 9 4.48 4.47 -1.48
N ALA A 10 4.09 3.21 -1.30
CA ALA A 10 3.30 2.82 -0.12
C ALA A 10 4.17 2.04 0.85
N GLU A 11 3.91 2.20 2.14
CA GLU A 11 4.60 1.43 3.15
C GLU A 11 3.72 0.29 3.65
N ALA A 12 2.42 0.47 3.50
CA ALA A 12 1.44 -0.47 4.04
C ALA A 12 0.10 -0.29 3.33
N LYS A 13 -0.83 -1.23 3.54
CA LYS A 13 -2.19 -1.13 3.00
C LYS A 13 -2.81 0.22 3.38
N PRO A 14 -3.18 1.09 2.40
CA PRO A 14 -3.74 2.43 2.70
C PRO A 14 -4.94 2.40 3.65
N TRP A 15 -5.76 1.35 3.57
CA TRP A 15 -6.89 1.22 4.49
C TRP A 15 -6.77 0.03 5.45
N TYR A 16 -7.15 -1.14 4.95
CA TYR A 16 -7.01 -2.39 5.70
C TYR A 16 -7.19 -3.64 4.84
N CYS A 17 -6.81 -4.77 5.44
CA CYS A 17 -6.95 -6.08 4.81
C CYS A 17 -8.00 -6.89 5.56
N CYS A 1 1.45 -5.01 7.62
CA CYS A 1 0.25 -4.32 7.09
C CYS A 1 0.46 -3.87 5.64
N GLY A 2 1.18 -2.75 5.47
CA GLY A 2 1.28 -2.08 4.16
C GLY A 2 2.16 -2.81 3.16
N GLN A 3 1.75 -4.00 2.75
CA GLN A 3 2.44 -4.74 1.70
C GLN A 3 1.52 -4.97 0.50
N ARG A 4 0.29 -5.35 0.78
CA ARG A 4 -0.64 -5.74 -0.28
C ARG A 4 -1.26 -4.52 -0.95
N GLU A 5 -1.32 -4.58 -2.27
CA GLU A 5 -1.90 -3.51 -3.08
C GLU A 5 -1.24 -2.18 -2.74
N THR A 6 0.09 -2.17 -2.81
CA THR A 6 0.87 -0.98 -2.50
C THR A 6 1.62 -0.50 -3.74
N PRO A 7 1.11 0.56 -4.41
CA PRO A 7 1.72 1.10 -5.63
C PRO A 7 3.17 1.51 -5.43
N GLU A 8 3.97 1.39 -6.47
CA GLU A 8 5.40 1.70 -6.39
C GLU A 8 5.63 3.15 -5.98
N GLY A 9 4.69 4.01 -6.37
CA GLY A 9 4.83 5.42 -6.11
C GLY A 9 4.25 5.84 -4.77
N ALA A 10 3.79 4.85 -4.01
CA ALA A 10 3.16 5.10 -2.71
C ALA A 10 4.22 5.34 -1.65
N GLU A 11 3.90 6.18 -0.68
CA GLU A 11 4.76 6.37 0.49
C GLU A 11 4.30 5.49 1.65
N ALA A 12 3.01 5.17 1.66
CA ALA A 12 2.41 4.40 2.73
C ALA A 12 1.08 3.81 2.26
N LYS A 13 0.62 2.75 2.94
CA LYS A 13 -0.71 2.18 2.73
C LYS A 13 -1.79 3.20 3.15
N PRO A 14 -2.68 3.68 2.22
CA PRO A 14 -3.64 4.74 2.56
C PRO A 14 -4.62 4.34 3.67
N TRP A 15 -4.83 3.04 3.82
CA TRP A 15 -5.79 2.54 4.79
C TRP A 15 -5.70 1.02 4.95
N TYR A 16 -6.22 0.50 6.06
CA TYR A 16 -6.37 -0.94 6.26
C TYR A 16 -5.00 -1.59 6.51
N CYS A 17 -5.02 -2.89 6.72
CA CYS A 17 -3.83 -3.64 7.08
C CYS A 17 -3.94 -5.00 6.42
N CYS A 1 2.52 -6.71 5.87
CA CYS A 1 1.92 -5.37 5.71
C CYS A 1 2.65 -4.58 4.63
N GLY A 2 1.95 -3.64 3.99
CA GLY A 2 2.53 -2.90 2.90
C GLY A 2 2.32 -3.59 1.57
N GLN A 3 1.34 -4.47 1.53
CA GLN A 3 1.02 -5.20 0.33
C GLN A 3 -0.38 -4.84 -0.09
N ARG A 4 -0.81 -5.44 -1.19
CA ARG A 4 -2.18 -5.32 -1.68
C ARG A 4 -2.45 -3.90 -2.16
N GLU A 5 -2.14 -3.65 -3.43
CA GLU A 5 -2.33 -2.33 -4.03
C GLU A 5 -1.36 -1.33 -3.43
N THR A 6 -0.08 -1.69 -3.43
CA THR A 6 0.99 -0.80 -3.02
C THR A 6 2.10 -0.77 -4.08
N PRO A 7 1.92 0.00 -5.19
CA PRO A 7 2.89 0.01 -6.28
C PRO A 7 4.30 0.34 -5.79
N GLU A 8 5.20 -0.64 -5.92
CA GLU A 8 6.58 -0.58 -5.42
C GLU A 8 6.69 -0.18 -3.94
N GLY A 9 5.66 -0.51 -3.16
CA GLY A 9 5.65 -0.15 -1.76
C GLY A 9 5.03 1.20 -1.52
N ALA A 10 4.75 1.92 -2.61
CA ALA A 10 4.21 3.27 -2.54
C ALA A 10 4.99 4.13 -1.57
N GLU A 11 4.28 4.96 -0.81
CA GLU A 11 4.89 5.74 0.26
C GLU A 11 4.32 5.35 1.61
N ALA A 12 3.04 4.99 1.61
CA ALA A 12 2.33 4.58 2.81
C ALA A 12 1.08 3.80 2.43
N LYS A 13 0.63 2.92 3.31
CA LYS A 13 -0.61 2.16 3.10
C LYS A 13 -1.81 3.06 3.38
N PRO A 14 -2.69 3.38 2.38
CA PRO A 14 -3.82 4.30 2.58
C PRO A 14 -4.82 3.80 3.63
N TRP A 15 -4.85 2.50 3.85
CA TRP A 15 -5.75 1.92 4.83
C TRP A 15 -5.34 0.50 5.21
N TYR A 16 -5.66 0.10 6.45
CA TYR A 16 -5.32 -1.23 6.95
C TYR A 16 -3.81 -1.35 7.11
N CYS A 17 -3.23 -2.46 6.71
CA CYS A 17 -1.85 -2.75 7.06
C CYS A 17 -1.23 -3.60 5.95
N CYS A 1 3.52 1.87 7.89
CA CYS A 1 3.58 0.71 6.99
C CYS A 1 3.33 1.14 5.54
N GLY A 2 4.04 0.54 4.60
CA GLY A 2 3.77 0.76 3.20
C GLY A 2 3.95 -0.49 2.38
N GLN A 3 3.65 -1.63 2.98
CA GLN A 3 3.98 -2.92 2.41
C GLN A 3 2.71 -3.71 2.19
N ARG A 4 2.86 -4.93 1.69
CA ARG A 4 1.74 -5.86 1.46
C ARG A 4 0.88 -5.39 0.30
N GLU A 5 1.44 -5.47 -0.91
CA GLU A 5 0.73 -5.17 -2.15
C GLU A 5 0.34 -3.69 -2.20
N THR A 6 1.35 -2.84 -2.29
CA THR A 6 1.15 -1.40 -2.40
C THR A 6 1.75 -0.89 -3.70
N PRO A 7 1.22 0.24 -4.26
CA PRO A 7 1.77 0.85 -5.47
C PRO A 7 3.25 1.20 -5.33
N GLU A 8 3.98 1.10 -6.43
CA GLU A 8 5.42 1.36 -6.44
C GLU A 8 5.74 2.80 -5.99
N GLY A 9 4.85 3.73 -6.31
CA GLY A 9 5.08 5.12 -5.97
C GLY A 9 4.44 5.51 -4.64
N ALA A 10 3.96 4.52 -3.91
CA ALA A 10 3.26 4.77 -2.65
C ALA A 10 4.18 5.42 -1.63
N GLU A 11 3.62 6.32 -0.84
CA GLU A 11 4.35 6.93 0.27
C GLU A 11 4.02 6.21 1.57
N ALA A 12 2.84 5.62 1.60
CA ALA A 12 2.32 4.95 2.79
C ALA A 12 1.20 3.99 2.38
N LYS A 13 0.89 3.01 3.22
CA LYS A 13 -0.29 2.15 3.05
C LYS A 13 -1.57 3.00 3.05
N PRO A 14 -2.36 3.03 1.92
CA PRO A 14 -3.56 3.86 1.85
C PRO A 14 -4.56 3.64 3.00
N TRP A 15 -4.64 2.42 3.50
CA TRP A 15 -5.49 2.14 4.65
C TRP A 15 -4.71 1.75 5.92
N TYR A 16 -4.35 0.47 5.99
CA TYR A 16 -3.56 -0.09 7.08
C TYR A 16 -2.99 -1.48 6.77
N CYS A 17 -2.07 -1.92 7.61
CA CYS A 17 -1.48 -3.24 7.48
C CYS A 17 -1.87 -4.12 8.67
N CYS A 1 -2.34 -7.33 5.23
CA CYS A 1 -2.02 -7.80 3.87
C CYS A 1 -1.29 -6.73 3.08
N GLY A 2 -0.32 -6.07 3.73
CA GLY A 2 0.22 -4.83 3.22
C GLY A 2 1.21 -5.02 2.08
N GLN A 3 0.84 -5.84 1.12
CA GLN A 3 1.56 -5.93 -0.15
C GLN A 3 0.62 -5.65 -1.31
N ARG A 4 -0.66 -5.93 -1.11
CA ARG A 4 -1.66 -5.83 -2.17
C ARG A 4 -2.02 -4.39 -2.39
N GLU A 5 -1.96 -3.96 -3.66
CA GLU A 5 -2.25 -2.59 -4.04
C GLU A 5 -1.38 -1.62 -3.24
N THR A 6 -0.07 -1.77 -3.39
CA THR A 6 0.89 -0.92 -2.70
C THR A 6 1.86 -0.30 -3.70
N PRO A 7 1.43 0.76 -4.40
CA PRO A 7 2.26 1.41 -5.42
C PRO A 7 3.57 1.89 -4.82
N GLU A 8 4.63 1.90 -5.61
CA GLU A 8 5.95 2.28 -5.14
C GLU A 8 5.95 3.70 -4.59
N GLY A 9 5.13 4.55 -5.19
CA GLY A 9 5.09 5.95 -4.80
C GLY A 9 4.07 6.22 -3.72
N ALA A 10 3.44 5.16 -3.20
CA ALA A 10 2.39 5.31 -2.20
C ALA A 10 3.00 5.38 -0.81
N GLU A 11 2.26 5.95 0.12
CA GLU A 11 2.66 5.98 1.51
C GLU A 11 2.45 4.60 2.16
N ALA A 12 3.31 3.60 1.84
CA ALA A 12 3.11 2.21 2.24
C ALA A 12 1.76 1.66 1.77
N LYS A 13 1.01 1.05 2.70
CA LYS A 13 -0.31 0.47 2.38
C LYS A 13 -1.43 1.41 2.85
N PRO A 14 -2.21 2.07 1.93
CA PRO A 14 -3.29 2.96 2.34
C PRO A 14 -4.52 2.21 2.84
N TRP A 15 -5.41 2.97 3.48
CA TRP A 15 -6.71 2.54 4.01
C TRP A 15 -6.86 1.03 4.32
N TYR A 16 -7.69 0.37 3.52
CA TYR A 16 -8.12 -1.00 3.80
C TYR A 16 -7.31 -2.04 3.04
N CYS A 17 -7.33 -3.26 3.56
CA CYS A 17 -6.68 -4.41 2.94
C CYS A 17 -7.22 -4.63 1.52
N CYS A 1 -2.03 -9.42 4.33
CA CYS A 1 -1.64 -8.71 3.11
C CYS A 1 -1.37 -7.24 3.41
N GLY A 2 -1.86 -6.34 2.55
CA GLY A 2 -1.49 -4.95 2.63
C GLY A 2 -0.35 -4.63 1.69
N GLN A 3 0.20 -5.67 1.07
CA GLN A 3 1.29 -5.50 0.11
C GLN A 3 0.80 -5.73 -1.32
N ARG A 4 -0.51 -5.82 -1.50
CA ARG A 4 -1.08 -6.11 -2.81
C ARG A 4 -1.22 -4.82 -3.61
N GLU A 5 -2.22 -4.01 -3.27
CA GLU A 5 -2.44 -2.76 -3.98
C GLU A 5 -1.66 -1.64 -3.31
N THR A 6 -0.34 -1.80 -3.29
CA THR A 6 0.56 -0.92 -2.56
C THR A 6 1.55 -0.26 -3.53
N PRO A 7 1.55 1.08 -3.60
CA PRO A 7 2.45 1.81 -4.50
C PRO A 7 3.89 1.76 -4.00
N GLU A 8 4.84 2.04 -4.89
CA GLU A 8 6.26 2.00 -4.54
C GLU A 8 6.59 3.03 -3.47
N GLY A 9 5.75 4.05 -3.35
CA GLY A 9 6.01 5.13 -2.42
C GLY A 9 5.46 4.83 -1.04
N ALA A 10 4.90 3.64 -0.86
CA ALA A 10 4.30 3.25 0.41
C ALA A 10 4.98 2.00 0.96
N GLU A 11 5.05 1.92 2.28
CA GLU A 11 5.53 0.72 2.94
C GLU A 11 4.43 -0.32 3.00
N ALA A 12 3.19 0.16 3.00
CA ALA A 12 2.01 -0.69 3.04
C ALA A 12 0.81 0.06 2.50
N LYS A 13 -0.21 -0.67 2.04
CA LYS A 13 -1.45 -0.09 1.50
C LYS A 13 -2.04 0.96 2.47
N PRO A 14 -2.29 2.23 2.02
CA PRO A 14 -2.83 3.28 2.90
C PRO A 14 -4.19 2.94 3.54
N TRP A 15 -4.90 1.99 2.96
CA TRP A 15 -6.21 1.60 3.51
C TRP A 15 -6.50 0.09 3.41
N TYR A 16 -7.60 -0.32 4.03
CA TYR A 16 -7.95 -1.73 4.25
C TYR A 16 -7.65 -2.62 3.04
N CYS A 17 -7.13 -3.80 3.33
CA CYS A 17 -6.81 -4.79 2.32
C CYS A 17 -7.84 -5.90 2.33
N CYS A 1 3.74 -1.34 4.47
CA CYS A 1 3.30 -2.52 3.69
C CYS A 1 2.92 -2.08 2.29
N GLY A 2 3.70 -2.49 1.29
CA GLY A 2 3.40 -2.11 -0.08
C GLY A 2 2.70 -3.22 -0.86
N GLN A 3 2.02 -4.11 -0.13
CA GLN A 3 1.40 -5.26 -0.76
C GLN A 3 0.01 -4.91 -1.25
N ARG A 4 -0.59 -5.83 -1.98
CA ARG A 4 -1.97 -5.70 -2.45
C ARG A 4 -2.15 -4.48 -3.36
N GLU A 5 -1.75 -4.65 -4.63
CA GLU A 5 -2.05 -3.68 -5.68
C GLU A 5 -1.68 -2.25 -5.25
N THR A 6 -0.51 -2.11 -4.63
CA THR A 6 -0.07 -0.82 -4.15
C THR A 6 1.29 -0.45 -4.74
N PRO A 7 1.37 0.68 -5.48
CA PRO A 7 2.62 1.11 -6.12
C PRO A 7 3.61 1.63 -5.08
N GLU A 8 4.90 1.46 -5.34
CA GLU A 8 5.95 1.96 -4.45
C GLU A 8 5.88 3.48 -4.31
N GLY A 9 5.47 4.15 -5.38
CA GLY A 9 5.40 5.59 -5.39
C GLY A 9 4.41 6.14 -4.38
N ALA A 10 3.53 5.28 -3.88
CA ALA A 10 2.57 5.70 -2.87
C ALA A 10 3.29 6.12 -1.59
N GLU A 11 4.38 5.39 -1.28
CA GLU A 11 5.13 5.52 -0.01
C GLU A 11 4.21 5.57 1.22
N ALA A 12 3.11 4.84 1.15
CA ALA A 12 2.11 4.83 2.19
C ALA A 12 1.16 3.68 1.95
N LYS A 13 0.48 3.22 2.99
CA LYS A 13 -0.68 2.35 2.83
C LYS A 13 -1.84 2.82 3.73
N PRO A 14 -2.64 3.84 3.28
CA PRO A 14 -3.59 4.51 4.18
C PRO A 14 -4.61 3.58 4.83
N TRP A 15 -4.87 2.43 4.22
CA TRP A 15 -5.86 1.50 4.76
C TRP A 15 -5.27 0.22 5.36
N TYR A 16 -5.08 -0.78 4.50
CA TYR A 16 -4.51 -2.08 4.88
C TYR A 16 -4.17 -2.97 3.69
N CYS A 17 -3.29 -3.95 3.95
CA CYS A 17 -2.93 -4.96 2.98
C CYS A 17 -3.81 -6.21 3.15
N CYS A 1 4.43 -1.20 3.80
CA CYS A 1 4.14 -2.63 3.58
C CYS A 1 3.28 -2.83 2.34
N GLY A 2 3.84 -3.48 1.32
CA GLY A 2 3.16 -3.62 0.06
C GLY A 2 2.12 -4.72 0.09
N GLN A 3 1.14 -4.58 0.97
CA GLN A 3 0.17 -5.62 1.19
C GLN A 3 -0.95 -5.46 0.19
N ARG A 4 -0.61 -5.69 -1.06
CA ARG A 4 -1.55 -5.65 -2.17
C ARG A 4 -2.10 -4.23 -2.35
N GLU A 5 -2.34 -3.87 -3.61
CA GLU A 5 -2.93 -2.58 -3.98
C GLU A 5 -2.09 -1.42 -3.44
N THR A 6 -0.79 -1.49 -3.67
CA THR A 6 0.11 -0.42 -3.29
C THR A 6 0.95 0.00 -4.51
N PRO A 7 0.42 0.92 -5.36
CA PRO A 7 1.07 1.33 -6.61
C PRO A 7 2.49 1.87 -6.42
N GLU A 8 3.33 1.62 -7.40
CA GLU A 8 4.72 2.07 -7.37
C GLU A 8 4.78 3.61 -7.07
N GLY A 9 5.60 4.08 -6.12
CA GLY A 9 5.61 5.48 -5.82
C GLY A 9 4.75 5.83 -4.62
N ALA A 10 3.90 4.91 -4.19
CA ALA A 10 3.07 5.17 -3.00
C ALA A 10 3.96 5.39 -1.78
N GLU A 11 3.56 6.31 -0.93
CA GLU A 11 4.29 6.60 0.29
C GLU A 11 3.97 5.59 1.37
N ALA A 12 2.75 5.09 1.35
CA ALA A 12 2.25 4.16 2.36
C ALA A 12 0.97 3.50 1.88
N LYS A 13 0.62 2.37 2.49
CA LYS A 13 -0.71 1.78 2.36
C LYS A 13 -1.75 2.80 2.86
N PRO A 14 -2.78 3.16 2.04
CA PRO A 14 -3.76 4.20 2.43
C PRO A 14 -4.36 3.94 3.82
N TRP A 15 -4.52 2.67 4.13
CA TRP A 15 -5.07 2.26 5.42
C TRP A 15 -4.75 0.79 5.69
N TYR A 16 -4.61 0.43 6.98
CA TYR A 16 -4.34 -0.96 7.40
C TYR A 16 -3.01 -1.49 6.87
N CYS A 17 -2.81 -2.78 7.03
CA CYS A 17 -1.62 -3.42 6.51
C CYS A 17 -1.80 -4.94 6.56
N CYS A 1 0.14 -6.39 5.94
CA CYS A 1 -0.78 -5.89 4.91
C CYS A 1 0.02 -5.37 3.71
N GLY A 2 0.69 -6.28 3.01
CA GLY A 2 1.51 -5.87 1.88
C GLY A 2 1.25 -6.73 0.66
N GLN A 3 0.10 -7.40 0.60
CA GLN A 3 -0.18 -8.34 -0.48
C GLN A 3 -1.06 -7.72 -1.55
N ARG A 4 -1.83 -6.70 -1.17
CA ARG A 4 -2.76 -6.04 -2.08
C ARG A 4 -2.76 -4.54 -1.87
N GLU A 5 -3.12 -3.81 -2.93
CA GLU A 5 -3.22 -2.35 -2.90
C GLU A 5 -1.97 -1.70 -2.34
N THR A 6 -0.86 -1.91 -3.04
CA THR A 6 0.43 -1.39 -2.66
C THR A 6 1.05 -0.65 -3.85
N PRO A 7 0.60 0.58 -4.14
CA PRO A 7 1.11 1.34 -5.28
C PRO A 7 2.62 1.49 -5.23
N GLU A 8 3.25 1.40 -6.39
CA GLU A 8 4.71 1.43 -6.48
C GLU A 8 5.26 2.74 -5.92
N GLY A 9 4.49 3.81 -6.12
CA GLY A 9 4.95 5.12 -5.73
C GLY A 9 4.45 5.50 -4.35
N ALA A 10 3.86 4.53 -3.65
CA ALA A 10 3.27 4.80 -2.33
C ALA A 10 4.37 5.15 -1.34
N GLU A 11 4.10 6.08 -0.44
CA GLU A 11 4.96 6.30 0.71
C GLU A 11 4.42 5.59 1.95
N ALA A 12 3.12 5.32 1.92
CA ALA A 12 2.43 4.67 3.03
C ALA A 12 1.15 4.02 2.52
N LYS A 13 0.62 3.03 3.26
CA LYS A 13 -0.63 2.36 2.92
C LYS A 13 -1.79 3.39 2.80
N PRO A 14 -2.44 3.52 1.60
CA PRO A 14 -3.49 4.54 1.39
C PRO A 14 -4.61 4.54 2.45
N TRP A 15 -4.96 3.36 2.94
CA TRP A 15 -5.95 3.23 4.01
C TRP A 15 -6.06 1.80 4.55
N TYR A 16 -7.16 1.12 4.22
CA TYR A 16 -7.45 -0.20 4.78
C TYR A 16 -6.42 -1.24 4.35
N CYS A 17 -6.41 -2.35 5.08
CA CYS A 17 -5.50 -3.45 4.83
C CYS A 17 -5.78 -4.09 3.47
#